data_3V8N
#
_entry.id   3V8N
#
_cell.length_a   63.063
_cell.length_b   75.966
_cell.length_c   119.012
_cell.angle_alpha   90.00
_cell.angle_beta   90.00
_cell.angle_gamma   90.00
#
_symmetry.space_group_name_H-M   'I 2 2 2'
#
loop_
_entity.id
_entity.type
_entity.pdbx_description
1 polymer 'Probable inorganic polyphosphate/ATP-NAD kinase 1'
2 non-polymer "5'-amino-8-bromo-5'-deoxyadenosine"
3 non-polymer "8-bromo-5'-{[3-carboxy-2-(carboxymethyl)-2-hydroxypropanoyl]amino}-5'-deoxyadenosine"
4 non-polymer 'CITRIC ACID'
5 water water
#
_entity_poly.entity_id   1
_entity_poly.type   'polypeptide(L)'
_entity_poly.pdbx_seq_one_letter_code
;MKYMITSKGDEKSDLLRLNMIAGFGEYDMEYDDVEPEIVISIGGDGTFLSAFHQYEERLDEIAFIGIHTGHLGFYADWRP
AEADKLVKLLAKGEYQKVSYPLLKTTVKYGIGKKEATYLALNESTVKSSGGPFVVDVVINDIHFERFRGDGLCMSTPSGT
TAYNKSLGGALMHPSIEAMQLTEMASINNRVYRTIGSPLVFPKHHVVSLQPVNDKDFQISVDHLSILHRDVQEIRYEVSA
KKIHFARFRSFPFWRRVHDSFIEDLEHHHHHH
;
_entity_poly.pdbx_strand_id   A
#
# COMPACT_ATOMS: atom_id res chain seq x y z
N MET A 1 25.14 -1.23 -10.74
CA MET A 1 24.02 -2.17 -10.69
C MET A 1 22.85 -1.71 -11.54
N LYS A 2 21.86 -2.59 -11.70
CA LYS A 2 20.70 -2.29 -12.51
C LYS A 2 19.68 -1.42 -11.77
N TYR A 3 18.98 -0.58 -12.51
CA TYR A 3 17.99 0.33 -11.94
C TYR A 3 16.98 0.73 -13.01
N MET A 4 15.83 1.26 -12.58
CA MET A 4 14.84 1.79 -13.50
C MET A 4 14.16 3.00 -12.88
N ILE A 5 13.46 3.77 -13.70
CA ILE A 5 12.78 4.97 -13.23
C ILE A 5 11.40 5.13 -13.87
N THR A 6 10.36 5.17 -13.04
CA THR A 6 9.01 5.47 -13.54
C THR A 6 8.71 6.94 -13.33
N SER A 7 7.88 7.50 -14.19
CA SER A 7 7.55 8.92 -14.14
C SER A 7 6.04 9.15 -14.13
N LYS A 8 5.62 10.17 -13.36
CA LYS A 8 4.22 10.58 -13.35
C LYS A 8 3.71 10.87 -14.76
N GLY A 9 4.60 11.31 -15.65
CA GLY A 9 4.26 11.50 -17.04
C GLY A 9 4.12 12.94 -17.50
N ASP A 10 4.19 13.88 -16.58
CA ASP A 10 4.14 15.30 -16.93
C ASP A 10 5.53 15.85 -17.26
N GLU A 11 5.60 17.11 -17.67
CA GLU A 11 6.87 17.71 -18.10
C GLU A 11 7.94 17.67 -17.01
N LYS A 12 7.57 18.07 -15.80
CA LYS A 12 8.49 18.14 -14.68
C LYS A 12 9.10 16.78 -14.37
N SER A 13 8.26 15.74 -14.40
CA SER A 13 8.70 14.40 -14.02
C SER A 13 9.61 13.76 -15.09
N ASP A 14 9.24 13.93 -16.35
CA ASP A 14 10.03 13.35 -17.45
C ASP A 14 11.42 13.96 -17.51
N LEU A 15 11.50 15.28 -17.31
CA LEU A 15 12.78 15.97 -17.37
C LEU A 15 13.68 15.61 -16.19
N LEU A 16 13.09 15.46 -15.01
CA LEU A 16 13.84 15.04 -13.84
C LEU A 16 14.41 13.66 -14.09
N ARG A 17 13.60 12.83 -14.75
CA ARG A 17 13.97 11.45 -15.07
C ARG A 17 15.10 11.40 -16.10
N LEU A 18 15.00 12.22 -17.13
CA LEU A 18 16.02 12.26 -18.17
C LEU A 18 17.38 12.73 -17.63
N ASN A 19 17.35 13.64 -16.66
CA ASN A 19 18.58 14.11 -16.02
C ASN A 19 19.22 13.07 -15.10
N MET A 20 18.42 12.39 -14.29
CA MET A 20 18.97 11.37 -13.40
C MET A 20 19.61 10.24 -14.20
N ILE A 21 18.96 9.85 -15.29
CA ILE A 21 19.51 8.84 -16.18
C ILE A 21 20.87 9.29 -16.72
N ALA A 22 20.98 10.58 -17.05
CA ALA A 22 22.23 11.15 -17.53
C ALA A 22 23.31 11.06 -16.46
N GLY A 23 22.98 11.49 -15.25
CA GLY A 23 23.91 11.39 -14.14
C GLY A 23 24.33 9.94 -13.91
N PHE A 24 23.39 9.03 -14.08
CA PHE A 24 23.66 7.61 -13.93
C PHE A 24 24.59 7.10 -15.03
N GLY A 25 24.60 7.80 -16.16
CA GLY A 25 25.48 7.46 -17.26
C GLY A 25 26.92 7.80 -16.94
N GLU A 26 27.12 8.59 -15.89
CA GLU A 26 28.45 8.97 -15.45
C GLU A 26 28.99 7.99 -14.43
N TYR A 27 28.23 6.91 -14.20
CA TYR A 27 28.63 5.87 -13.25
C TYR A 27 28.35 4.49 -13.85
N ASP A 28 28.82 3.45 -13.17
CA ASP A 28 28.49 2.09 -13.59
C ASP A 28 27.06 1.78 -13.17
N MET A 29 26.12 2.19 -14.01
CA MET A 29 24.70 2.01 -13.73
C MET A 29 23.94 1.65 -15.00
N GLU A 30 23.69 0.36 -15.18
CA GLU A 30 22.93 -0.12 -16.33
C GLU A 30 21.42 0.01 -16.09
N TYR A 31 20.76 0.79 -16.94
CA TYR A 31 19.32 0.92 -16.91
C TYR A 31 18.66 -0.38 -17.38
N ASP A 32 17.76 -0.92 -16.58
CA ASP A 32 17.06 -2.15 -16.91
C ASP A 32 15.74 -2.23 -16.15
N ASP A 33 14.63 -2.20 -16.88
CA ASP A 33 13.31 -2.24 -16.26
C ASP A 33 12.76 -3.67 -16.14
N VAL A 34 13.63 -4.65 -16.35
CA VAL A 34 13.25 -6.05 -16.21
C VAL A 34 13.72 -6.60 -14.87
N GLU A 35 15.00 -6.44 -14.58
CA GLU A 35 15.57 -6.90 -13.32
C GLU A 35 16.34 -5.81 -12.58
N PRO A 36 15.69 -4.67 -12.29
CA PRO A 36 16.37 -3.59 -11.59
C PRO A 36 16.57 -3.93 -10.11
N GLU A 37 17.72 -3.53 -9.56
CA GLU A 37 17.97 -3.67 -8.13
C GLU A 37 17.56 -2.39 -7.42
N ILE A 38 17.35 -1.33 -8.20
CA ILE A 38 16.93 -0.05 -7.67
C ILE A 38 15.76 0.49 -8.49
N VAL A 39 14.69 0.88 -7.81
CA VAL A 39 13.53 1.41 -8.50
C VAL A 39 13.23 2.82 -7.99
N ILE A 40 13.48 3.81 -8.83
CA ILE A 40 13.21 5.20 -8.47
C ILE A 40 11.89 5.64 -9.10
N SER A 41 11.04 6.23 -8.28
CA SER A 41 9.73 6.69 -8.71
C SER A 41 9.68 8.22 -8.64
N ILE A 42 9.20 8.85 -9.70
CA ILE A 42 9.14 10.30 -9.76
C ILE A 42 7.72 10.81 -10.00
N GLY A 43 7.20 11.57 -9.03
CA GLY A 43 5.84 12.08 -9.11
C GLY A 43 5.23 12.24 -7.73
N GLY A 44 4.26 11.37 -7.41
CA GLY A 44 3.62 11.39 -6.11
C GLY A 44 3.56 10.01 -5.49
N ASP A 45 2.75 9.88 -4.43
CA ASP A 45 2.58 8.59 -3.77
C ASP A 45 1.89 7.58 -4.68
N GLY A 46 0.98 8.06 -5.52
CA GLY A 46 0.30 7.22 -6.49
C GLY A 46 1.25 6.62 -7.51
N THR A 47 2.20 7.43 -7.98
CA THR A 47 3.22 6.94 -8.91
C THR A 47 4.05 5.84 -8.25
N PHE A 48 4.36 6.03 -6.97
CA PHE A 48 5.11 5.02 -6.21
C PHE A 48 4.32 3.71 -6.10
N LEU A 49 3.02 3.82 -5.80
CA LEU A 49 2.13 2.67 -5.73
C LEU A 49 2.17 1.82 -7.00
N SER A 50 2.01 2.48 -8.14
CA SER A 50 2.08 1.80 -9.44
C SER A 50 3.42 1.11 -9.64
N ALA A 51 4.48 1.71 -9.09
CA ALA A 51 5.83 1.16 -9.23
C ALA A 51 6.00 -0.07 -8.36
N PHE A 52 5.35 -0.05 -7.19
CA PHE A 52 5.37 -1.19 -6.28
C PHE A 52 4.75 -2.41 -6.93
N HIS A 53 3.57 -2.24 -7.52
CA HIS A 53 2.83 -3.35 -8.10
C HIS A 53 3.44 -3.85 -9.40
N GLN A 54 4.13 -2.95 -10.10
CA GLN A 54 4.80 -3.33 -11.34
C GLN A 54 5.92 -4.33 -11.07
N TYR A 55 6.49 -4.26 -9.87
CA TYR A 55 7.60 -5.13 -9.51
C TYR A 55 7.35 -5.95 -8.24
N GLU A 56 6.09 -6.31 -8.01
CA GLU A 56 5.72 -7.02 -6.78
C GLU A 56 6.18 -8.49 -6.76
N GLU A 57 6.86 -8.92 -7.81
CA GLU A 57 7.36 -10.28 -7.88
C GLU A 57 8.86 -10.38 -7.59
N ARG A 58 9.53 -9.24 -7.53
CA ARG A 58 10.95 -9.20 -7.19
C ARG A 58 11.21 -8.26 -6.00
N LEU A 59 10.24 -8.19 -5.10
CA LEU A 59 10.32 -7.30 -3.95
C LEU A 59 11.55 -7.55 -3.07
N ASP A 60 11.93 -8.82 -2.95
CA ASP A 60 13.02 -9.19 -2.06
C ASP A 60 14.39 -8.80 -2.63
N GLU A 61 14.41 -8.40 -3.89
CA GLU A 61 15.67 -8.06 -4.57
C GLU A 61 15.74 -6.58 -4.96
N ILE A 62 14.71 -5.82 -4.60
CA ILE A 62 14.63 -4.43 -5.01
C ILE A 62 14.64 -3.46 -3.82
N ALA A 63 15.29 -2.31 -4.01
CA ALA A 63 15.21 -1.21 -3.05
C ALA A 63 14.54 -0.01 -3.71
N PHE A 64 13.41 0.41 -3.15
CA PHE A 64 12.60 1.49 -3.73
C PHE A 64 13.04 2.88 -3.26
N ILE A 65 12.79 3.88 -4.10
CA ILE A 65 13.10 5.27 -3.77
C ILE A 65 12.04 6.20 -4.35
N GLY A 66 11.45 7.04 -3.51
CA GLY A 66 10.39 7.92 -3.95
C GLY A 66 10.76 9.39 -4.02
N ILE A 67 10.62 9.98 -5.19
CA ILE A 67 10.85 11.41 -5.36
C ILE A 67 9.53 12.11 -5.64
N HIS A 68 9.25 13.19 -4.93
CA HIS A 68 8.04 13.95 -5.17
C HIS A 68 8.31 15.25 -5.93
N THR A 69 7.70 15.37 -7.10
CA THR A 69 7.78 16.60 -7.88
C THR A 69 6.61 17.51 -7.55
N GLY A 70 5.68 16.99 -6.74
CA GLY A 70 4.55 17.76 -6.28
C GLY A 70 4.64 17.95 -4.78
N HIS A 71 3.50 17.77 -4.11
CA HIS A 71 3.48 17.87 -2.65
C HIS A 71 4.22 16.70 -2.00
N LEU A 72 4.76 16.94 -0.81
CA LEU A 72 5.47 15.91 -0.07
C LEU A 72 4.60 14.68 0.14
N GLY A 73 5.13 13.50 -0.20
CA GLY A 73 4.38 12.26 -0.08
C GLY A 73 4.96 11.37 1.00
N PHE A 74 4.17 10.43 1.48
CA PHE A 74 4.65 9.51 2.52
C PHE A 74 5.67 8.51 1.96
N TYR A 75 5.48 8.11 0.71
CA TYR A 75 6.44 7.23 0.04
C TYR A 75 7.44 8.04 -0.79
N ALA A 76 6.95 9.08 -1.44
CA ALA A 76 7.80 9.99 -2.20
C ALA A 76 8.28 11.11 -1.29
N ASP A 77 9.34 10.83 -0.53
CA ASP A 77 9.80 11.75 0.50
C ASP A 77 11.12 12.45 0.19
N TRP A 78 11.54 12.41 -1.07
CA TRP A 78 12.74 13.12 -1.51
C TRP A 78 12.38 14.28 -2.43
N ARG A 79 13.00 15.43 -2.19
CA ARG A 79 12.80 16.59 -3.06
C ARG A 79 13.61 16.46 -4.34
N PRO A 80 13.07 16.98 -5.44
CA PRO A 80 13.76 16.96 -6.74
C PRO A 80 15.18 17.55 -6.64
N ALA A 81 15.33 18.60 -5.85
CA ALA A 81 16.62 19.29 -5.72
C ALA A 81 17.71 18.42 -5.11
N GLU A 82 17.35 17.20 -4.71
CA GLU A 82 18.31 16.28 -4.14
C GLU A 82 18.56 15.08 -5.05
N ALA A 83 18.03 15.15 -6.26
CA ALA A 83 18.14 14.06 -7.22
C ALA A 83 19.59 13.67 -7.52
N ASP A 84 20.44 14.68 -7.73
CA ASP A 84 21.83 14.41 -8.06
C ASP A 84 22.60 13.78 -6.90
N LYS A 85 22.25 14.18 -5.68
CA LYS A 85 22.85 13.58 -4.49
C LYS A 85 22.48 12.10 -4.40
N LEU A 86 21.24 11.78 -4.77
CA LEU A 86 20.78 10.39 -4.81
C LEU A 86 21.64 9.57 -5.76
N VAL A 87 21.83 10.10 -6.96
CA VAL A 87 22.67 9.45 -7.98
C VAL A 87 24.02 9.02 -7.42
N LYS A 88 24.72 9.96 -6.78
CA LYS A 88 26.04 9.69 -6.25
C LYS A 88 26.04 8.59 -5.20
N LEU A 89 25.22 8.75 -4.17
CA LEU A 89 25.16 7.79 -3.07
C LEU A 89 24.67 6.41 -3.54
N LEU A 90 23.69 6.41 -4.43
CA LEU A 90 23.17 5.17 -4.99
C LEU A 90 24.27 4.40 -5.73
N ALA A 91 25.23 5.13 -6.26
CA ALA A 91 26.32 4.54 -7.04
C ALA A 91 27.29 3.74 -6.18
N LYS A 92 28.00 4.43 -5.28
CA LYS A 92 29.02 3.79 -4.46
C LYS A 92 28.71 3.92 -2.97
N GLY A 93 27.44 3.76 -2.61
CA GLY A 93 27.03 3.87 -1.23
C GLY A 93 26.62 2.53 -0.65
N GLU A 94 27.04 2.27 0.58
CA GLU A 94 26.58 1.08 1.30
C GLU A 94 25.33 1.45 2.09
N TYR A 95 24.48 2.25 1.45
CA TYR A 95 23.26 2.75 2.08
C TYR A 95 22.49 1.66 2.80
N GLN A 96 21.76 2.07 3.84
CA GLN A 96 20.98 1.13 4.64
C GLN A 96 19.65 0.83 3.97
N LYS A 97 18.91 -0.11 4.57
CA LYS A 97 17.59 -0.46 4.06
C LYS A 97 16.52 -0.36 5.13
N VAL A 98 15.38 0.18 4.75
CA VAL A 98 14.24 0.27 5.65
C VAL A 98 13.11 -0.56 5.05
N SER A 99 12.53 -1.45 5.87
CA SER A 99 11.48 -2.34 5.40
C SER A 99 10.15 -2.09 6.08
N TYR A 100 9.08 -2.11 5.30
CA TYR A 100 7.71 -1.94 5.81
C TYR A 100 6.88 -3.20 5.61
N PRO A 101 5.96 -3.49 6.55
CA PRO A 101 5.09 -4.65 6.44
C PRO A 101 4.09 -4.50 5.30
N LEU A 102 3.67 -5.61 4.71
CA LEU A 102 2.68 -5.59 3.63
C LEU A 102 1.45 -6.39 4.04
N LEU A 103 0.37 -6.25 3.27
CA LEU A 103 -0.87 -6.98 3.55
C LEU A 103 -1.14 -8.05 2.50
N LYS A 104 -1.31 -9.28 2.96
CA LYS A 104 -1.70 -10.36 2.07
C LYS A 104 -3.22 -10.53 2.04
N THR A 105 -3.78 -10.55 0.84
CA THR A 105 -5.21 -10.77 0.67
C THR A 105 -5.44 -12.04 -0.14
N THR A 106 -6.35 -12.89 0.35
CA THR A 106 -6.68 -14.11 -0.38
C THR A 106 -8.17 -14.15 -0.70
N VAL A 107 -8.48 -14.42 -1.97
CA VAL A 107 -9.87 -14.56 -2.39
C VAL A 107 -10.13 -15.99 -2.88
N LYS A 108 -11.22 -16.58 -2.38
CA LYS A 108 -11.60 -17.93 -2.76
C LYS A 108 -12.98 -17.91 -3.41
N TYR A 109 -13.18 -18.80 -4.38
CA TYR A 109 -14.43 -18.85 -5.12
C TYR A 109 -15.14 -20.19 -4.96
N GLY A 110 -16.07 -20.47 -5.88
CA GLY A 110 -16.77 -21.75 -5.91
C GLY A 110 -16.77 -22.33 -7.31
N GLU A 115 -8.24 -20.11 -5.68
CA GLU A 115 -7.72 -19.01 -4.89
C GLU A 115 -6.95 -17.99 -5.73
N ALA A 116 -7.11 -16.72 -5.38
CA ALA A 116 -6.30 -15.65 -5.95
C ALA A 116 -5.72 -14.83 -4.81
N THR A 117 -4.40 -14.63 -4.85
CA THR A 117 -3.72 -13.88 -3.80
C THR A 117 -3.16 -12.55 -4.33
N TYR A 118 -3.13 -11.54 -3.47
CA TYR A 118 -2.64 -10.22 -3.84
C TYR A 118 -1.85 -9.60 -2.69
N LEU A 119 -0.99 -8.65 -3.03
CA LEU A 119 -0.21 -7.92 -2.03
C LEU A 119 -0.59 -6.44 -2.09
N ALA A 120 -0.71 -5.81 -0.93
CA ALA A 120 -1.12 -4.42 -0.85
C ALA A 120 -0.13 -3.61 -0.03
N LEU A 121 0.25 -2.44 -0.57
CA LEU A 121 1.16 -1.55 0.13
C LEU A 121 0.37 -0.68 1.10
N ASN A 122 -0.84 -0.33 0.70
CA ASN A 122 -1.69 0.55 1.50
C ASN A 122 -2.78 -0.22 2.23
N GLU A 123 -3.72 -0.74 1.45
CA GLU A 123 -4.88 -1.40 2.03
C GLU A 123 -5.62 -2.24 1.00
N SER A 124 -6.51 -3.08 1.51
CA SER A 124 -7.48 -3.77 0.67
C SER A 124 -8.84 -3.51 1.28
N THR A 125 -9.83 -3.24 0.43
CA THR A 125 -11.18 -3.01 0.92
C THR A 125 -12.19 -3.88 0.19
N VAL A 126 -13.35 -4.06 0.80
CA VAL A 126 -14.45 -4.80 0.18
C VAL A 126 -15.72 -3.96 0.28
N LYS A 127 -16.44 -3.85 -0.84
CA LYS A 127 -17.73 -3.17 -0.86
C LYS A 127 -18.75 -3.95 -1.70
N SER A 128 -20.00 -3.50 -1.67
N SER A 128 -20.01 -3.54 -1.64
CA SER A 128 -21.09 -4.20 -2.34
CA SER A 128 -21.06 -4.31 -2.30
C SER A 128 -21.31 -3.75 -3.78
C SER A 128 -21.30 -3.86 -3.73
N SER A 129 -22.03 -4.58 -4.53
N SER A 129 -21.92 -4.73 -4.52
CA SER A 129 -22.39 -4.27 -5.91
CA SER A 129 -22.33 -4.40 -5.87
C SER A 129 -23.57 -3.31 -5.96
C SER A 129 -23.37 -3.28 -5.80
N GLY A 130 -23.63 -2.39 -4.99
N GLY A 130 -24.62 -3.63 -6.09
CA GLY A 130 -24.72 -1.43 -4.90
CA GLY A 130 -25.72 -2.69 -5.96
C GLY A 130 -25.48 -1.55 -3.59
C GLY A 130 -26.41 -2.81 -4.62
N GLY A 131 -25.55 -0.44 -2.85
N GLY A 131 -26.85 -4.03 -4.30
CA GLY A 131 -26.23 -0.41 -1.57
CA GLY A 131 -27.59 -4.28 -3.08
C GLY A 131 -25.39 -1.00 -0.45
C GLY A 131 -26.80 -3.98 -1.82
N PRO A 132 -25.97 -1.08 0.76
N PRO A 132 -27.43 -4.16 -0.64
CA PRO A 132 -25.27 -1.67 1.90
CA PRO A 132 -26.81 -3.91 0.66
C PRO A 132 -25.15 -3.18 1.72
C PRO A 132 -25.59 -4.82 0.88
N PHE A 133 -24.08 -3.78 2.25
N PHE A 133 -24.78 -4.48 1.88
CA PHE A 133 -23.91 -5.23 2.14
CA PHE A 133 -23.54 -5.22 2.13
C PHE A 133 -23.71 -5.89 3.50
C PHE A 133 -23.54 -5.90 3.49
N VAL A 134 -23.73 -7.22 3.50
CA VAL A 134 -23.67 -8.01 4.71
C VAL A 134 -22.64 -9.12 4.58
N VAL A 135 -21.72 -9.17 5.54
CA VAL A 135 -20.73 -10.22 5.58
C VAL A 135 -20.46 -10.62 7.02
N ASP A 136 -20.05 -11.87 7.23
CA ASP A 136 -19.66 -12.33 8.56
C ASP A 136 -18.15 -12.18 8.75
N VAL A 137 -17.78 -11.60 9.88
CA VAL A 137 -16.37 -11.40 10.18
C VAL A 137 -15.87 -12.45 11.16
N VAL A 138 -14.97 -13.29 10.67
CA VAL A 138 -14.41 -14.38 11.47
C VAL A 138 -12.96 -14.09 11.80
N ILE A 139 -12.63 -14.07 13.09
CA ILE A 139 -11.27 -13.84 13.52
C ILE A 139 -10.65 -15.14 14.06
N ASN A 140 -9.68 -15.67 13.32
CA ASN A 140 -9.04 -16.92 13.69
C ASN A 140 -10.05 -18.04 13.91
N ASP A 141 -10.97 -18.17 12.95
CA ASP A 141 -11.94 -19.26 12.92
C ASP A 141 -13.08 -19.12 13.92
N ILE A 142 -13.11 -18.00 14.62
CA ILE A 142 -14.19 -17.71 15.57
C ILE A 142 -15.02 -16.53 15.09
N HIS A 143 -16.33 -16.73 14.96
CA HIS A 143 -17.21 -15.67 14.50
C HIS A 143 -17.15 -14.49 15.45
N PHE A 144 -16.86 -13.31 14.90
CA PHE A 144 -16.71 -12.11 15.70
C PHE A 144 -17.92 -11.20 15.60
N GLU A 145 -18.47 -11.04 14.40
CA GLU A 145 -19.60 -10.15 14.21
C GLU A 145 -20.21 -10.30 12.82
N ARG A 146 -21.47 -9.90 12.68
CA ARG A 146 -22.11 -9.83 11.37
C ARG A 146 -22.22 -8.36 10.96
N PHE A 147 -21.48 -7.98 9.92
CA PHE A 147 -21.39 -6.58 9.50
C PHE A 147 -22.40 -6.20 8.43
N ARG A 148 -23.14 -5.11 8.67
CA ARG A 148 -23.96 -4.51 7.62
C ARG A 148 -23.65 -3.02 7.46
N GLY A 149 -23.31 -2.61 6.24
CA GLY A 149 -22.96 -1.24 5.95
C GLY A 149 -22.37 -1.05 4.57
N ASP A 150 -21.49 -0.06 4.42
CA ASP A 150 -20.91 0.25 3.11
C ASP A 150 -19.72 -0.64 2.75
N GLY A 151 -18.92 -1.01 3.74
CA GLY A 151 -17.79 -1.88 3.48
C GLY A 151 -16.79 -1.92 4.61
N LEU A 152 -15.66 -2.57 4.36
CA LEU A 152 -14.60 -2.70 5.34
C LEU A 152 -13.26 -2.42 4.70
N CYS A 153 -12.28 -2.03 5.52
CA CYS A 153 -10.95 -1.68 5.02
C CYS A 153 -9.88 -2.33 5.90
N MET A 154 -9.00 -3.11 5.27
CA MET A 154 -7.86 -3.68 5.98
C MET A 154 -6.59 -2.98 5.53
N SER A 155 -5.84 -2.43 6.48
CA SER A 155 -4.78 -1.50 6.17
C SER A 155 -3.43 -1.93 6.74
N THR A 156 -2.37 -1.65 5.99
CA THR A 156 -1.00 -1.85 6.46
C THR A 156 -0.60 -0.69 7.37
N PRO A 157 0.52 -0.82 8.08
CA PRO A 157 1.00 0.28 8.91
C PRO A 157 1.23 1.59 8.13
N SER A 158 1.89 1.51 6.99
CA SER A 158 2.16 2.73 6.21
C SER A 158 0.91 3.25 5.52
N GLY A 159 -0.04 2.36 5.26
CA GLY A 159 -1.30 2.73 4.65
C GLY A 159 -2.29 3.37 5.60
N THR A 160 -1.93 3.48 6.87
CA THR A 160 -2.84 4.06 7.87
C THR A 160 -3.01 5.57 7.70
N THR A 161 -2.08 6.21 7.00
CA THR A 161 -2.19 7.65 6.73
C THR A 161 -3.08 7.90 5.52
N ALA A 162 -3.45 6.82 4.84
CA ALA A 162 -4.30 6.93 3.66
C ALA A 162 -5.79 6.70 3.97
N TYR A 163 -6.40 5.77 3.25
CA TYR A 163 -7.82 5.49 3.37
C TYR A 163 -8.24 5.22 4.83
N ASN A 164 -7.48 4.37 5.51
CA ASN A 164 -7.64 4.13 6.94
C ASN A 164 -7.92 5.41 7.75
N LYS A 165 -7.08 6.43 7.54
CA LYS A 165 -7.18 7.68 8.29
C LYS A 165 -8.54 8.35 8.13
N SER A 166 -9.09 8.30 6.93
CA SER A 166 -10.37 8.92 6.65
C SER A 166 -11.53 8.19 7.34
N LEU A 167 -11.31 6.93 7.68
CA LEU A 167 -12.36 6.10 8.29
C LEU A 167 -12.27 6.06 9.81
N GLY A 168 -11.46 6.94 10.37
CA GLY A 168 -11.32 7.03 11.82
C GLY A 168 -10.23 6.13 12.36
N GLY A 169 -9.51 5.47 11.47
CA GLY A 169 -8.42 4.59 11.87
C GLY A 169 -7.30 5.31 12.59
N ALA A 170 -6.53 4.57 13.36
CA ALA A 170 -5.37 5.13 14.03
C ALA A 170 -4.16 5.16 13.09
N LEU A 171 -3.25 6.10 13.33
CA LEU A 171 -1.99 6.15 12.61
C LEU A 171 -0.96 5.30 13.34
N MET A 172 -0.36 4.37 12.61
CA MET A 172 0.49 3.34 13.21
C MET A 172 1.90 3.39 12.63
N HIS A 173 2.90 3.41 13.50
CA HIS A 173 4.28 3.40 13.03
C HIS A 173 4.61 2.13 12.26
N PRO A 174 5.18 2.28 11.06
CA PRO A 174 5.42 1.17 10.13
C PRO A 174 6.43 0.14 10.63
N SER A 175 7.09 0.40 11.76
CA SER A 175 7.99 -0.59 12.33
C SER A 175 7.21 -1.68 13.06
N ILE A 176 5.92 -1.44 13.28
CA ILE A 176 5.03 -2.41 13.93
C ILE A 176 4.41 -3.35 12.91
N GLU A 177 4.69 -4.64 13.04
CA GLU A 177 4.15 -5.62 12.10
C GLU A 177 2.70 -5.94 12.43
N ALA A 178 1.78 -5.28 11.73
CA ALA A 178 0.37 -5.36 12.06
C ALA A 178 -0.53 -4.96 10.91
N MET A 179 -1.83 -5.18 11.09
CA MET A 179 -2.85 -4.73 10.15
C MET A 179 -4.02 -4.13 10.93
N GLN A 180 -4.68 -3.15 10.35
CA GLN A 180 -5.78 -2.47 11.03
C GLN A 180 -7.05 -2.52 10.19
N LEU A 181 -8.16 -2.87 10.84
CA LEU A 181 -9.43 -2.98 10.17
C LEU A 181 -10.36 -1.86 10.62
N THR A 182 -10.98 -1.19 9.66
CA THR A 182 -11.94 -0.14 9.97
C THR A 182 -13.27 -0.39 9.26
N GLU A 183 -14.33 0.22 9.76
CA GLU A 183 -15.67 0.05 9.20
C GLU A 183 -16.04 1.22 8.30
N MET A 184 -16.92 0.97 7.33
CA MET A 184 -17.50 2.03 6.52
C MET A 184 -19.00 2.10 6.77
N ALA A 185 -19.45 3.17 7.40
CA ALA A 185 -20.88 3.36 7.67
C ALA A 185 -21.56 2.07 8.13
N SER A 186 -21.20 1.61 9.31
CA SER A 186 -21.84 0.44 9.89
C SER A 186 -23.18 0.84 10.48
N ILE A 187 -24.21 0.06 10.17
CA ILE A 187 -25.50 0.26 10.80
C ILE A 187 -25.52 -0.47 12.14
N ASN A 188 -25.85 0.26 13.21
CA ASN A 188 -25.90 -0.34 14.54
C ASN A 188 -27.24 -0.14 15.22
N ASN A 189 -28.06 -1.20 15.19
CA ASN A 189 -29.39 -1.15 15.78
C ASN A 189 -29.74 -2.44 16.52
N ARG A 193 -25.04 -5.15 14.93
CA ARG A 193 -24.17 -5.04 16.10
C ARG A 193 -22.70 -5.24 15.71
N THR A 194 -21.94 -4.15 15.64
CA THR A 194 -20.53 -4.23 15.31
C THR A 194 -19.69 -3.65 16.44
N ILE A 195 -18.38 -3.86 16.39
CA ILE A 195 -17.48 -3.35 17.41
C ILE A 195 -17.31 -1.82 17.33
N GLY A 196 -17.42 -1.28 16.12
CA GLY A 196 -17.32 0.17 15.91
C GLY A 196 -15.88 0.65 15.92
N SER A 197 -15.15 0.28 16.97
CA SER A 197 -13.74 0.60 17.08
C SER A 197 -12.92 -0.06 15.98
N PRO A 198 -11.88 0.63 15.51
CA PRO A 198 -10.92 -0.01 14.60
C PRO A 198 -10.22 -1.15 15.35
N LEU A 199 -9.75 -2.15 14.62
CA LEU A 199 -9.09 -3.31 15.23
C LEU A 199 -7.68 -3.47 14.68
N VAL A 200 -6.71 -3.65 15.58
CA VAL A 200 -5.32 -3.85 15.18
C VAL A 200 -4.86 -5.28 15.43
N PHE A 201 -4.53 -5.99 14.35
CA PHE A 201 -4.12 -7.41 14.42
C PHE A 201 -2.62 -7.61 14.25
N PRO A 202 -2.06 -8.63 14.94
CA PRO A 202 -0.64 -8.98 14.86
C PRO A 202 -0.31 -9.97 13.75
N LYS A 203 0.96 -10.38 13.68
CA LYS A 203 1.55 -11.05 12.53
C LYS A 203 0.91 -12.35 12.04
N HIS A 204 0.25 -13.10 12.92
CA HIS A 204 -0.24 -14.43 12.51
C HIS A 204 -1.75 -14.56 12.60
N HIS A 205 -2.43 -13.48 12.97
CA HIS A 205 -3.87 -13.49 13.03
C HIS A 205 -4.49 -13.43 11.64
N VAL A 206 -5.56 -14.19 11.44
CA VAL A 206 -6.22 -14.28 10.15
C VAL A 206 -7.66 -13.78 10.28
N VAL A 207 -8.00 -12.77 9.50
CA VAL A 207 -9.34 -12.23 9.48
C VAL A 207 -10.03 -12.63 8.18
N SER A 208 -11.20 -13.25 8.31
CA SER A 208 -11.91 -13.77 7.16
C SER A 208 -13.26 -13.09 6.98
N LEU A 209 -13.58 -12.70 5.76
CA LEU A 209 -14.87 -12.11 5.45
C LEU A 209 -15.68 -13.09 4.62
N GLN A 210 -16.91 -13.36 5.06
CA GLN A 210 -17.76 -14.34 4.40
C GLN A 210 -19.13 -13.79 4.05
N PRO A 211 -19.59 -14.08 2.82
CA PRO A 211 -20.87 -13.60 2.28
C PRO A 211 -22.04 -14.19 3.04
N VAL A 212 -23.10 -13.41 3.21
CA VAL A 212 -24.30 -13.92 3.86
C VAL A 212 -25.32 -14.30 2.80
N ASN A 213 -25.79 -13.31 2.05
CA ASN A 213 -26.77 -13.56 0.99
C ASN A 213 -26.16 -13.40 -0.39
N ASP A 214 -25.58 -12.23 -0.65
CA ASP A 214 -25.00 -11.93 -1.96
C ASP A 214 -23.54 -12.37 -2.00
N LYS A 215 -23.14 -12.91 -3.15
CA LYS A 215 -21.76 -13.40 -3.32
C LYS A 215 -20.93 -12.51 -4.24
N ASP A 216 -21.46 -11.35 -4.61
CA ASP A 216 -20.74 -10.41 -5.47
C ASP A 216 -20.27 -9.18 -4.69
N PHE A 217 -18.97 -8.91 -4.75
CA PHE A 217 -18.38 -7.78 -4.04
C PHE A 217 -17.41 -7.01 -4.92
N GLN A 218 -17.22 -5.74 -4.61
CA GLN A 218 -16.17 -4.95 -5.23
C GLN A 218 -14.95 -5.01 -4.31
N ILE A 219 -13.91 -5.71 -4.75
CA ILE A 219 -12.69 -5.80 -3.95
C ILE A 219 -11.59 -4.93 -4.53
N SER A 220 -10.96 -4.12 -3.66
CA SER A 220 -9.89 -3.26 -4.10
C SER A 220 -8.60 -3.59 -3.39
N VAL A 221 -7.49 -3.53 -4.13
CA VAL A 221 -6.16 -3.65 -3.54
C VAL A 221 -5.34 -2.44 -4.00
N ASP A 222 -5.19 -1.47 -3.11
CA ASP A 222 -4.58 -0.19 -3.44
C ASP A 222 -5.40 0.53 -4.50
N HIS A 223 -4.83 0.73 -5.69
CA HIS A 223 -5.53 1.46 -6.75
C HIS A 223 -6.35 0.54 -7.66
N LEU A 224 -6.01 -0.74 -7.70
CA LEU A 224 -6.71 -1.71 -8.51
C LEU A 224 -8.04 -2.14 -7.87
N SER A 225 -9.11 -2.06 -8.64
CA SER A 225 -10.45 -2.40 -8.14
C SER A 225 -11.12 -3.44 -9.02
N ILE A 226 -11.44 -4.59 -8.44
CA ILE A 226 -11.92 -5.74 -9.19
C ILE A 226 -13.27 -6.23 -8.66
N LEU A 227 -14.28 -6.26 -9.52
CA LEU A 227 -15.56 -6.86 -9.14
C LEU A 227 -15.44 -8.38 -9.17
N HIS A 228 -15.49 -8.99 -7.99
CA HIS A 228 -15.35 -10.44 -7.88
C HIS A 228 -16.71 -11.13 -7.72
N ARG A 229 -16.97 -12.10 -8.59
CA ARG A 229 -18.24 -12.83 -8.57
C ARG A 229 -18.11 -14.22 -7.96
N ASP A 230 -19.18 -14.69 -7.34
CA ASP A 230 -19.21 -15.99 -6.68
C ASP A 230 -18.05 -16.16 -5.71
N VAL A 231 -17.82 -15.13 -4.91
CA VAL A 231 -16.79 -15.17 -3.87
C VAL A 231 -17.30 -15.91 -2.65
N GLN A 232 -16.45 -16.75 -2.06
CA GLN A 232 -16.83 -17.54 -0.90
C GLN A 232 -16.15 -17.02 0.36
N GLU A 233 -14.95 -16.48 0.21
CA GLU A 233 -14.18 -16.03 1.36
C GLU A 233 -13.10 -15.01 0.99
N ILE A 234 -12.87 -14.06 1.88
CA ILE A 234 -11.78 -13.09 1.72
C ILE A 234 -10.92 -13.11 2.98
N ARG A 235 -9.67 -13.54 2.84
CA ARG A 235 -8.78 -13.70 3.99
C ARG A 235 -7.67 -12.64 4.04
N TYR A 236 -7.52 -12.02 5.21
CA TYR A 236 -6.49 -11.02 5.43
C TYR A 236 -5.48 -11.49 6.47
N GLU A 237 -4.20 -11.21 6.22
CA GLU A 237 -3.16 -11.46 7.21
C GLU A 237 -1.89 -10.71 6.85
N VAL A 238 -1.11 -10.36 7.86
CA VAL A 238 0.15 -9.67 7.64
C VAL A 238 1.04 -10.54 6.78
N SER A 239 1.47 -10.00 5.65
CA SER A 239 2.27 -10.74 4.70
C SER A 239 3.64 -11.13 5.28
N ALA A 240 4.26 -12.14 4.70
CA ALA A 240 5.61 -12.54 5.10
C ALA A 240 6.61 -11.72 4.31
N LYS A 241 6.16 -11.19 3.19
CA LYS A 241 6.99 -10.33 2.33
C LYS A 241 7.01 -8.91 2.87
N LYS A 242 8.09 -8.19 2.58
CA LYS A 242 8.22 -6.80 3.01
C LYS A 242 8.74 -5.93 1.86
N ILE A 243 8.37 -4.66 1.87
CA ILE A 243 8.92 -3.71 0.90
C ILE A 243 10.17 -3.03 1.47
N HIS A 244 11.23 -3.01 0.68
CA HIS A 244 12.50 -2.45 1.12
C HIS A 244 12.77 -1.09 0.50
N PHE A 245 13.08 -0.11 1.33
CA PHE A 245 13.47 1.21 0.86
C PHE A 245 14.97 1.40 0.99
N ALA A 246 15.53 2.29 0.17
CA ALA A 246 16.91 2.71 0.34
C ALA A 246 16.95 3.89 1.31
N ARG A 247 17.79 3.79 2.33
CA ARG A 247 17.89 4.83 3.35
C ARG A 247 19.20 5.62 3.24
N PHE A 248 19.09 6.91 2.94
CA PHE A 248 20.26 7.76 2.82
C PHE A 248 20.37 8.73 4.00
N ARG A 249 19.25 9.33 4.37
CA ARG A 249 19.21 10.24 5.50
C ARG A 249 18.10 9.84 6.48
N SER A 250 17.90 10.66 7.50
CA SER A 250 16.88 10.39 8.50
C SER A 250 15.65 11.27 8.28
N PHE A 251 14.55 10.65 7.88
CA PHE A 251 13.28 11.34 7.75
C PHE A 251 12.20 10.53 8.47
N PRO A 252 12.09 10.71 9.80
CA PRO A 252 11.20 9.95 10.66
C PRO A 252 9.75 9.97 10.22
N PHE A 253 9.06 8.85 10.43
CA PHE A 253 7.65 8.69 10.10
C PHE A 253 6.76 9.78 10.71
N TRP A 254 6.97 10.09 11.98
CA TRP A 254 6.14 11.09 12.64
C TRP A 254 6.41 12.51 12.13
N ARG A 255 7.63 12.76 11.67
CA ARG A 255 7.95 14.03 11.04
C ARG A 255 7.19 14.10 9.72
N ARG A 256 7.17 13.00 8.99
CA ARG A 256 6.44 12.88 7.74
C ARG A 256 4.93 13.05 7.95
N VAL A 257 4.42 12.52 9.06
CA VAL A 257 3.02 12.71 9.45
C VAL A 257 2.74 14.19 9.74
N HIS A 258 3.64 14.81 10.49
CA HIS A 258 3.53 16.22 10.87
C HIS A 258 3.50 17.15 9.66
N ASP A 259 4.39 16.89 8.70
CA ASP A 259 4.53 17.78 7.56
C ASP A 259 3.32 17.68 6.63
N SER A 260 2.76 16.49 6.52
CA SER A 260 1.60 16.26 5.66
C SER A 260 0.29 16.83 6.23
N PHE A 261 0.07 16.65 7.53
CA PHE A 261 -1.23 16.96 8.11
C PHE A 261 -1.26 18.18 9.04
N ILE A 262 -0.15 18.46 9.71
CA ILE A 262 -0.10 19.59 10.64
C ILE A 262 0.31 20.88 9.94
N GLU A 263 1.52 20.87 9.38
CA GLU A 263 2.07 22.03 8.68
C GLU A 263 3.51 21.74 8.25
N ASP A 264 3.83 22.08 7.01
CA ASP A 264 5.18 21.87 6.49
C ASP A 264 6.00 23.13 6.64
#